data_4MVF
#
_entry.id   4MVF
#
_cell.length_a   59.150
_cell.length_b   92.250
_cell.length_c   97.780
_cell.angle_alpha   90.00
_cell.angle_beta   90.00
_cell.angle_gamma   90.00
#
_symmetry.space_group_name_H-M   'P 21 21 21'
#
loop_
_entity.id
_entity.type
_entity.pdbx_description
1 polymer 'Calcium-dependent protein kinase 2'
2 non-polymer STAUROSPORINE
3 non-polymer 'CALCIUM ION'
4 non-polymer GLYCEROL
5 water water
#
_entity_poly.entity_id   1
_entity_poly.type   'polypeptide(L)'
_entity_poly.pdbx_seq_one_letter_code
;MASMTGGQQMGRGSDPNTSKQSNDYKYDINTSCISREGTTTLERKNLILCHSGKLEDKYIIDEKLGQGTYGCVYKGIDKV
TNQLYAIKEEKKDRLKNINRFFQEIEIMKKLDHPNIVKLYETYENDNYIYLIMELCSGRELFDSIIENGSFTEKNAATIM
KQIFSAIFYLHSLNIVHRDLKPENFLFQSENKDSLLKIIDFGLSKNLGTGEFTTTKAGTPYYVAPQVLDGKYDKKCDIWS
SGVIMYTLLCGYPPFYGDTDNEVLKKVKKGEFCFYENDWGSISSDAKNLITKLLTYNPNERCTIEEALNHPWITQMTKSH
EHVELSSTLLKNLKNFKKENELKKIALTIIAKHLCDVEINNLRNIFIALDVDNSGTLSSQEILDGLKKIGYQKIPPDIHQ
VLRDIDSNASGQIHYTDFLAATIDKQTYLKKEVCLIPFKFFDIDGNGKISVEELKRIFGRDDIENPLIDKAIDSLLQEVD
LNGDGEIDFHEFMLMMSKLEHHHHHH
;
_entity_poly.pdbx_strand_id   A
#
# COMPACT_ATOMS: atom_id res chain seq x y z
N LEU A 47 -8.07 10.30 -1.85
CA LEU A 47 -8.68 9.70 -3.05
C LEU A 47 -9.68 8.60 -2.72
N ILE A 48 -10.09 8.53 -1.46
CA ILE A 48 -11.03 7.49 -1.01
C ILE A 48 -12.41 8.09 -0.72
N LEU A 49 -13.35 7.88 -1.63
CA LEU A 49 -14.69 8.48 -1.49
C LEU A 49 -15.65 7.54 -0.78
N CYS A 50 -16.63 8.11 -0.09
CA CYS A 50 -17.73 7.34 0.47
C CYS A 50 -18.99 7.51 -0.39
N HIS A 51 -19.66 6.40 -0.66
CA HIS A 51 -20.88 6.41 -1.42
C HIS A 51 -22.07 6.01 -0.53
N SER A 52 -23.27 6.42 -0.93
CA SER A 52 -24.47 6.10 -0.16
C SER A 52 -25.44 5.26 -0.99
N GLY A 53 -25.13 5.11 -2.27
CA GLY A 53 -25.97 4.31 -3.16
C GLY A 53 -25.93 2.83 -2.82
N LYS A 54 -26.51 2.02 -3.69
CA LYS A 54 -26.52 0.58 -3.46
C LYS A 54 -25.22 -0.05 -3.97
N LEU A 55 -24.49 -0.70 -3.06
CA LEU A 55 -23.25 -1.40 -3.38
C LEU A 55 -23.39 -2.25 -4.63
N GLU A 56 -24.46 -3.04 -4.67
CA GLU A 56 -24.70 -4.02 -5.73
C GLU A 56 -24.99 -3.35 -7.09
N ASP A 57 -25.22 -2.05 -7.08
CA ASP A 57 -25.38 -1.32 -8.34
C ASP A 57 -24.07 -1.24 -9.12
N LYS A 58 -22.95 -1.20 -8.41
CA LYS A 58 -21.64 -1.09 -9.06
C LYS A 58 -20.90 -2.44 -9.11
N TYR A 59 -21.14 -3.28 -8.11
CA TYR A 59 -20.38 -4.53 -7.98
C TYR A 59 -21.26 -5.77 -8.09
N ILE A 60 -20.73 -6.79 -8.74
CA ILE A 60 -21.26 -8.15 -8.66
C ILE A 60 -20.61 -8.88 -7.47
N ILE A 61 -21.41 -9.47 -6.60
CA ILE A 61 -20.90 -10.28 -5.51
C ILE A 61 -20.69 -11.72 -5.98
N ASP A 62 -19.43 -12.08 -6.18
CA ASP A 62 -19.09 -13.31 -6.88
C ASP A 62 -18.90 -14.50 -5.93
N GLU A 63 -18.62 -14.22 -4.66
CA GLU A 63 -18.20 -15.28 -3.75
C GLU A 63 -18.09 -14.76 -2.33
N LYS A 64 -18.36 -15.61 -1.36
CA LYS A 64 -18.10 -15.24 0.02
C LYS A 64 -16.73 -15.77 0.39
N LEU A 65 -15.88 -14.91 0.96
CA LEU A 65 -14.49 -15.27 1.20
C LEU A 65 -14.25 -15.78 2.62
N GLY A 66 -14.96 -15.19 3.58
CA GLY A 66 -14.79 -15.59 4.96
C GLY A 66 -15.63 -14.76 5.90
N GLN A 67 -15.44 -14.98 7.20
CA GLN A 67 -16.25 -14.33 8.22
C GLN A 67 -15.34 -13.66 9.22
N GLY A 68 -15.47 -12.34 9.33
CA GLY A 68 -14.70 -11.59 10.29
C GLY A 68 -15.44 -11.45 11.60
N THR A 69 -14.89 -10.69 12.53
CA THR A 69 -15.53 -10.53 13.83
C THR A 69 -16.79 -9.66 13.74
N TYR A 70 -16.83 -8.75 12.77
CA TYR A 70 -17.93 -7.78 12.68
C TYR A 70 -18.76 -7.92 11.41
N GLY A 71 -18.47 -8.94 10.62
CA GLY A 71 -19.20 -9.16 9.39
C GLY A 71 -18.42 -9.99 8.40
N CYS A 72 -19.02 -10.21 7.23
CA CYS A 72 -18.42 -11.08 6.23
C CYS A 72 -17.50 -10.30 5.30
N VAL A 73 -16.73 -11.06 4.52
CA VAL A 73 -15.93 -10.53 3.45
C VAL A 73 -16.28 -11.26 2.17
N TYR A 74 -16.52 -10.50 1.11
CA TYR A 74 -16.91 -11.05 -0.18
C TYR A 74 -15.89 -10.69 -1.26
N LYS A 75 -15.87 -11.47 -2.33
CA LYS A 75 -15.18 -11.07 -3.54
C LYS A 75 -16.17 -10.29 -4.39
N GLY A 76 -15.78 -9.11 -4.85
CA GLY A 76 -16.64 -8.31 -5.71
C GLY A 76 -16.00 -8.02 -7.04
N ILE A 77 -16.84 -7.87 -8.06
CA ILE A 77 -16.37 -7.56 -9.40
C ILE A 77 -17.03 -6.27 -9.86
N ASP A 78 -16.22 -5.31 -10.28
CA ASP A 78 -16.76 -4.04 -10.77
C ASP A 78 -17.45 -4.34 -12.09
N LYS A 79 -18.72 -3.94 -12.20
CA LYS A 79 -19.52 -4.29 -13.39
C LYS A 79 -18.97 -3.64 -14.65
N VAL A 80 -18.37 -2.46 -14.49
CA VAL A 80 -17.85 -1.71 -15.64
C VAL A 80 -16.40 -2.07 -15.98
N THR A 81 -15.53 -2.06 -14.97
CA THR A 81 -14.10 -2.26 -15.21
C THR A 81 -13.63 -3.71 -15.14
N ASN A 82 -14.47 -4.60 -14.62
CA ASN A 82 -14.10 -6.00 -14.37
C ASN A 82 -12.95 -6.24 -13.38
N GLN A 83 -12.58 -5.20 -12.63
CA GLN A 83 -11.60 -5.35 -11.56
C GLN A 83 -12.18 -6.09 -10.36
N LEU A 84 -11.33 -6.87 -9.70
CA LEU A 84 -11.71 -7.63 -8.51
C LEU A 84 -11.31 -6.94 -7.21
N TYR A 85 -12.21 -6.97 -6.24
CA TYR A 85 -11.94 -6.40 -4.92
C TYR A 85 -12.40 -7.34 -3.81
N ALA A 86 -11.88 -7.13 -2.60
CA ALA A 86 -12.43 -7.75 -1.41
C ALA A 86 -13.36 -6.70 -0.82
N ILE A 87 -14.57 -7.12 -0.48
CA ILE A 87 -15.56 -6.23 0.11
C ILE A 87 -15.85 -6.64 1.55
N LYS A 88 -15.53 -5.77 2.48
CA LYS A 88 -15.62 -6.07 3.89
C LYS A 88 -16.90 -5.45 4.41
N GLU A 89 -17.79 -6.30 4.89
CA GLU A 89 -19.08 -5.88 5.39
C GLU A 89 -19.05 -5.77 6.92
N GLU A 90 -19.48 -4.63 7.44
CA GLU A 90 -19.44 -4.41 8.88
C GLU A 90 -20.82 -4.00 9.39
N LYS A 91 -21.43 -4.87 10.20
CA LYS A 91 -22.79 -4.68 10.68
C LYS A 91 -22.85 -3.60 11.74
N LYS A 92 -23.61 -2.53 11.47
CA LYS A 92 -23.75 -1.44 12.41
C LYS A 92 -24.75 -1.75 13.53
N ASP A 93 -24.59 -2.91 14.18
CA ASP A 93 -25.53 -3.32 15.20
C ASP A 93 -25.37 -2.58 16.53
N ARG A 94 -24.12 -2.37 16.95
CA ARG A 94 -23.85 -1.69 18.21
C ARG A 94 -22.88 -0.51 18.05
N LEU A 95 -23.09 0.53 18.83
CA LEU A 95 -22.34 1.78 18.70
C LEU A 95 -20.84 1.63 18.96
N LYS A 96 -20.48 0.83 19.97
CA LYS A 96 -19.08 0.53 20.27
C LYS A 96 -18.37 -0.02 19.05
N ASN A 97 -19.07 -0.87 18.29
CA ASN A 97 -18.53 -1.43 17.07
C ASN A 97 -18.52 -0.41 15.93
N ILE A 98 -19.62 0.33 15.81
CA ILE A 98 -19.77 1.35 14.78
C ILE A 98 -18.65 2.37 14.86
N ASN A 99 -18.30 2.75 16.09
CA ASN A 99 -17.22 3.71 16.32
C ASN A 99 -15.86 3.15 15.90
N ARG A 100 -15.67 1.85 16.07
CA ARG A 100 -14.46 1.20 15.60
C ARG A 100 -14.38 1.30 14.09
N PHE A 101 -15.50 1.00 13.44
CA PHE A 101 -15.55 0.93 11.98
C PHE A 101 -15.04 2.21 11.35
N PHE A 102 -15.47 3.37 11.86
CA PHE A 102 -15.07 4.66 11.28
C PHE A 102 -13.67 5.06 11.73
N GLN A 103 -13.27 4.59 12.91
CA GLN A 103 -11.91 4.82 13.36
C GLN A 103 -10.95 4.13 12.39
N GLU A 104 -11.31 2.90 11.98
CA GLU A 104 -10.50 2.13 11.06
C GLU A 104 -10.40 2.83 9.69
N ILE A 105 -11.54 3.32 9.21
CA ILE A 105 -11.60 3.98 7.91
C ILE A 105 -10.69 5.20 7.88
N GLU A 106 -10.72 6.00 8.95
CA GLU A 106 -9.89 7.21 9.02
C GLU A 106 -8.40 6.89 9.06
N ILE A 107 -8.04 5.79 9.71
CA ILE A 107 -6.65 5.31 9.74
CA ILE A 107 -6.65 5.37 9.72
C ILE A 107 -6.22 4.86 8.35
N MET A 108 -7.03 3.99 7.75
CA MET A 108 -6.69 3.40 6.46
C MET A 108 -6.57 4.41 5.32
N LYS A 109 -7.35 5.50 5.40
CA LYS A 109 -7.20 6.61 4.46
C LYS A 109 -5.79 7.23 4.48
N LYS A 110 -5.07 7.02 5.57
CA LYS A 110 -3.75 7.64 5.71
C LYS A 110 -2.58 6.79 5.18
N LEU A 111 -2.87 5.54 4.81
CA LEU A 111 -1.83 4.52 4.61
C LEU A 111 -1.49 4.27 3.14
N ASP A 112 -0.20 4.14 2.85
CA ASP A 112 0.26 3.85 1.52
C ASP A 112 1.59 3.14 1.67
N HIS A 113 1.55 1.80 1.72
CA HIS A 113 2.77 1.04 1.97
C HIS A 113 2.67 -0.29 1.24
N PRO A 114 3.81 -0.81 0.74
CA PRO A 114 3.84 -2.07 -0.03
C PRO A 114 3.29 -3.26 0.75
N ASN A 115 3.34 -3.21 2.07
CA ASN A 115 2.86 -4.34 2.87
C ASN A 115 1.55 -4.10 3.59
N ILE A 116 0.77 -3.12 3.12
CA ILE A 116 -0.47 -2.80 3.80
C ILE A 116 -1.61 -2.83 2.76
N VAL A 117 -2.70 -3.53 3.07
CA VAL A 117 -3.81 -3.67 2.11
C VAL A 117 -4.38 -2.30 1.70
N LYS A 118 -4.69 -2.14 0.42
CA LYS A 118 -5.27 -0.89 -0.05
C LYS A 118 -6.77 -0.82 0.21
N LEU A 119 -7.22 0.38 0.58
CA LEU A 119 -8.64 0.72 0.68
C LEU A 119 -8.97 1.64 -0.50
N TYR A 120 -10.01 1.32 -1.27
CA TYR A 120 -10.33 2.10 -2.47
C TYR A 120 -11.49 3.05 -2.30
N GLU A 121 -12.56 2.57 -1.67
CA GLU A 121 -13.74 3.38 -1.44
C GLU A 121 -14.59 2.74 -0.36
N THR A 122 -15.61 3.45 0.11
CA THR A 122 -16.53 2.88 1.10
C THR A 122 -17.98 3.12 0.69
N TYR A 123 -18.86 2.26 1.20
CA TYR A 123 -20.30 2.40 1.06
C TYR A 123 -20.93 2.31 2.43
N GLU A 124 -22.09 2.93 2.60
CA GLU A 124 -22.80 2.88 3.86
C GLU A 124 -24.32 2.99 3.64
N ASN A 125 -25.07 2.08 4.24
CA ASN A 125 -26.52 2.22 4.33
C ASN A 125 -26.95 2.23 5.79
N ASP A 126 -28.20 1.86 6.05
CA ASP A 126 -28.73 1.95 7.41
C ASP A 126 -28.17 0.88 8.36
N ASN A 127 -27.97 -0.32 7.85
CA ASN A 127 -27.51 -1.44 8.69
C ASN A 127 -26.00 -1.73 8.62
N TYR A 128 -25.36 -1.36 7.50
CA TYR A 128 -23.99 -1.78 7.23
C TYR A 128 -23.06 -0.67 6.73
N ILE A 129 -21.76 -0.86 6.96
CA ILE A 129 -20.70 -0.10 6.28
C ILE A 129 -19.90 -1.12 5.48
N TYR A 130 -19.54 -0.77 4.25
CA TYR A 130 -18.74 -1.64 3.39
C TYR A 130 -17.42 -0.97 3.04
N LEU A 131 -16.33 -1.72 3.14
CA LEU A 131 -15.02 -1.26 2.67
C LEU A 131 -14.70 -1.98 1.36
N ILE A 132 -14.40 -1.24 0.31
CA ILE A 132 -13.96 -1.87 -0.93
C ILE A 132 -12.42 -1.87 -0.88
N MET A 133 -11.84 -3.06 -0.83
CA MET A 133 -10.41 -3.19 -0.56
C MET A 133 -9.71 -4.03 -1.60
N GLU A 134 -8.38 -4.00 -1.55
CA GLU A 134 -7.55 -4.83 -2.40
C GLU A 134 -7.84 -6.30 -2.12
N LEU A 135 -7.93 -7.10 -3.18
CA LEU A 135 -8.14 -8.54 -3.04
C LEU A 135 -6.78 -9.23 -3.01
N CYS A 136 -6.50 -9.92 -1.93
CA CYS A 136 -5.29 -10.71 -1.78
C CYS A 136 -5.58 -12.19 -2.01
N SER A 137 -4.58 -13.03 -1.78
CA SER A 137 -4.79 -14.47 -1.82
C SER A 137 -5.38 -14.89 -0.47
N GLY A 138 -5.83 -16.13 -0.36
CA GLY A 138 -6.31 -16.62 0.92
C GLY A 138 -5.18 -17.24 1.75
N ARG A 139 -3.95 -17.05 1.29
CA ARG A 139 -2.83 -17.72 1.93
C ARG A 139 -2.40 -17.01 3.22
N GLU A 140 -2.53 -17.72 4.33
CA GLU A 140 -2.10 -17.23 5.64
C GLU A 140 -0.60 -17.37 5.87
N LEU A 141 -0.07 -16.56 6.77
CA LEU A 141 1.36 -16.52 7.03
C LEU A 141 1.92 -17.90 7.39
N PHE A 142 1.24 -18.62 8.26
CA PHE A 142 1.76 -19.91 8.72
C PHE A 142 1.36 -21.13 7.87
N ASP A 143 0.73 -20.89 6.72
CA ASP A 143 0.25 -22.01 5.93
C ASP A 143 1.34 -22.99 5.52
N SER A 144 2.49 -22.46 5.11
CA SER A 144 3.57 -23.34 4.67
C SER A 144 4.18 -24.15 5.82
N ILE A 145 3.98 -23.68 7.05
CA ILE A 145 4.48 -24.41 8.21
C ILE A 145 3.63 -25.65 8.42
N ILE A 146 2.32 -25.48 8.32
CA ILE A 146 1.41 -26.61 8.39
C ILE A 146 1.85 -27.72 7.45
N GLU A 147 2.32 -27.32 6.27
CA GLU A 147 2.72 -28.26 5.23
C GLU A 147 4.16 -28.72 5.33
N ASN A 148 5.09 -27.77 5.48
CA ASN A 148 6.51 -28.06 5.28
C ASN A 148 7.39 -27.86 6.53
N GLY A 149 6.80 -27.35 7.60
CA GLY A 149 7.56 -27.10 8.82
C GLY A 149 8.09 -25.67 8.91
N SER A 150 8.98 -25.45 9.86
CA SER A 150 9.48 -24.10 10.13
C SER A 150 10.20 -23.47 8.92
N PHE A 151 10.17 -22.15 8.84
CA PHE A 151 10.88 -21.43 7.79
C PHE A 151 12.39 -21.57 7.97
N THR A 152 13.17 -21.51 6.89
CA THR A 152 14.60 -21.31 7.05
C THR A 152 14.79 -19.89 7.53
N GLU A 153 15.95 -19.60 8.10
CA GLU A 153 16.18 -18.25 8.63
C GLU A 153 16.18 -17.19 7.54
N LYS A 154 16.72 -17.53 6.37
CA LYS A 154 16.70 -16.60 5.24
C LYS A 154 15.25 -16.25 4.85
N ASN A 155 14.39 -17.25 4.74
CA ASN A 155 12.99 -17.00 4.37
C ASN A 155 12.20 -16.32 5.49
N ALA A 156 12.49 -16.68 6.73
CA ALA A 156 11.86 -15.99 7.86
C ALA A 156 12.27 -14.52 7.92
N ALA A 157 13.54 -14.22 7.65
CA ALA A 157 14.01 -12.85 7.67
C ALA A 157 13.32 -12.02 6.58
N THR A 158 13.12 -12.62 5.43
CA THR A 158 12.42 -11.95 4.32
C THR A 158 11.03 -11.49 4.77
N ILE A 159 10.31 -12.35 5.49
CA ILE A 159 9.02 -12.00 6.08
C ILE A 159 9.14 -10.94 7.18
N MET A 160 10.09 -11.13 8.09
CA MET A 160 10.18 -10.23 9.23
C MET A 160 10.55 -8.81 8.80
N LYS A 161 11.39 -8.70 7.78
CA LYS A 161 11.75 -7.37 7.27
C LYS A 161 10.50 -6.61 6.80
N GLN A 162 9.59 -7.33 6.12
CA GLN A 162 8.34 -6.71 5.67
C GLN A 162 7.45 -6.32 6.84
N ILE A 163 7.36 -7.19 7.85
CA ILE A 163 6.54 -6.90 9.01
C ILE A 163 7.13 -5.70 9.78
N PHE A 164 8.43 -5.73 10.00
CA PHE A 164 9.11 -4.62 10.69
C PHE A 164 8.91 -3.29 9.93
N SER A 165 9.03 -3.35 8.61
CA SER A 165 8.89 -2.14 7.78
C SER A 165 7.49 -1.53 7.93
N ALA A 166 6.48 -2.38 7.93
CA ALA A 166 5.09 -1.93 8.10
C ALA A 166 4.89 -1.27 9.48
N ILE A 167 5.48 -1.87 10.51
CA ILE A 167 5.32 -1.32 11.86
C ILE A 167 6.00 0.05 11.93
N PHE A 168 7.20 0.11 11.37
CA PHE A 168 7.97 1.36 11.35
C PHE A 168 7.17 2.47 10.66
N TYR A 169 6.63 2.14 9.50
CA TYR A 169 5.80 3.07 8.74
C TYR A 169 4.62 3.57 9.58
N LEU A 170 3.87 2.63 10.17
CA LEU A 170 2.74 2.99 11.02
C LEU A 170 3.16 3.85 12.22
N HIS A 171 4.21 3.43 12.91
CA HIS A 171 4.65 4.18 14.09
C HIS A 171 5.13 5.56 13.71
N SER A 172 5.72 5.68 12.52
CA SER A 172 6.21 6.97 12.03
C SER A 172 5.03 7.88 11.73
N LEU A 173 3.85 7.30 11.53
CA LEU A 173 2.65 8.08 11.34
C LEU A 173 1.91 8.30 12.66
N ASN A 174 2.57 7.92 13.75
CA ASN A 174 1.95 7.98 15.08
C ASN A 174 0.70 7.09 15.17
N ILE A 175 0.75 5.95 14.47
CA ILE A 175 -0.34 4.98 14.49
C ILE A 175 0.12 3.68 15.13
N VAL A 176 -0.68 3.13 16.04
CA VAL A 176 -0.38 1.82 16.62
C VAL A 176 -1.42 0.83 16.14
N HIS A 177 -0.98 -0.39 15.85
CA HIS A 177 -1.91 -1.37 15.31
C HIS A 177 -2.71 -2.04 16.44
N ARG A 178 -1.98 -2.46 17.47
CA ARG A 178 -2.56 -3.06 18.67
C ARG A 178 -3.16 -4.46 18.49
N ASP A 179 -3.09 -5.01 17.28
CA ASP A 179 -3.71 -6.33 17.05
C ASP A 179 -2.96 -7.13 15.98
N LEU A 180 -1.63 -7.11 16.03
CA LEU A 180 -0.83 -7.76 15.00
C LEU A 180 -0.71 -9.26 15.17
N LYS A 181 -1.86 -9.94 15.24
CA LYS A 181 -1.88 -11.40 15.31
C LYS A 181 -1.61 -11.96 13.94
N PRO A 182 -1.11 -13.20 13.87
CA PRO A 182 -0.86 -13.84 12.57
C PRO A 182 -2.07 -13.84 11.63
N GLU A 183 -3.30 -13.90 12.17
CA GLU A 183 -4.50 -13.95 11.32
C GLU A 183 -4.76 -12.64 10.60
N ASN A 184 -4.09 -11.56 11.00
CA ASN A 184 -4.30 -10.27 10.36
C ASN A 184 -3.39 -10.02 9.16
N PHE A 185 -2.68 -11.06 8.73
CA PHE A 185 -1.84 -11.02 7.55
C PHE A 185 -2.35 -11.97 6.48
N LEU A 186 -2.14 -11.59 5.22
CA LEU A 186 -2.41 -12.45 4.08
CA LEU A 186 -2.41 -12.46 4.07
C LEU A 186 -1.35 -12.20 3.01
N PHE A 187 -0.95 -13.26 2.30
CA PHE A 187 -0.05 -13.07 1.17
C PHE A 187 -0.84 -12.42 0.03
N GLN A 188 -0.21 -11.49 -0.68
CA GLN A 188 -0.96 -10.77 -1.70
C GLN A 188 -1.32 -11.67 -2.90
N SER A 189 -0.50 -12.69 -3.17
CA SER A 189 -0.84 -13.68 -4.21
C SER A 189 -0.37 -15.07 -3.82
N GLU A 190 -0.68 -16.03 -4.68
CA GLU A 190 -0.31 -17.42 -4.46
C GLU A 190 1.15 -17.71 -4.86
N ASN A 191 1.75 -16.79 -5.59
CA ASN A 191 3.13 -16.98 -6.05
C ASN A 191 4.12 -17.02 -4.88
N LYS A 192 5.18 -17.80 -5.02
CA LYS A 192 6.14 -17.91 -3.94
C LYS A 192 6.84 -16.58 -3.67
N ASP A 193 6.91 -15.72 -4.68
CA ASP A 193 7.57 -14.43 -4.54
C ASP A 193 6.68 -13.37 -3.86
N SER A 194 5.48 -13.77 -3.45
CA SER A 194 4.47 -12.83 -2.98
C SER A 194 4.88 -12.04 -1.72
N LEU A 195 4.55 -10.75 -1.72
CA LEU A 195 4.67 -9.95 -0.51
C LEU A 195 3.56 -10.28 0.49
N LEU A 196 3.82 -10.01 1.76
CA LEU A 196 2.81 -10.20 2.81
C LEU A 196 2.12 -8.87 3.10
N LYS A 197 0.82 -8.91 3.35
CA LYS A 197 0.08 -7.68 3.65
C LYS A 197 -0.67 -7.76 4.97
N ILE A 198 -0.67 -6.66 5.72
CA ILE A 198 -1.59 -6.52 6.85
C ILE A 198 -2.96 -6.17 6.29
N ILE A 199 -4.00 -6.92 6.69
CA ILE A 199 -5.31 -6.73 6.06
C ILE A 199 -6.43 -6.16 6.97
N ASP A 200 -6.11 -5.93 8.24
CA ASP A 200 -7.14 -5.45 9.18
C ASP A 200 -6.59 -4.43 10.18
N PHE A 201 -7.29 -3.31 10.31
CA PHE A 201 -6.87 -2.25 11.21
C PHE A 201 -7.99 -1.88 12.20
N GLY A 202 -8.84 -2.85 12.50
CA GLY A 202 -10.01 -2.63 13.35
C GLY A 202 -9.76 -2.17 14.77
N LEU A 203 -8.57 -2.45 15.30
CA LEU A 203 -8.24 -2.03 16.66
C LEU A 203 -7.16 -0.96 16.68
N SER A 204 -6.81 -0.46 15.49
CA SER A 204 -5.71 0.48 15.37
C SER A 204 -6.08 1.86 15.91
N LYS A 205 -5.08 2.60 16.36
CA LYS A 205 -5.35 3.89 17.00
C LYS A 205 -4.37 4.94 16.53
N ASN A 206 -4.90 6.10 16.15
CA ASN A 206 -4.07 7.23 15.78
C ASN A 206 -3.69 8.03 17.02
N LEU A 207 -2.50 7.73 17.54
CA LEU A 207 -1.77 8.58 18.50
C LEU A 207 -0.61 7.81 19.13
N LYS A 231 5.64 4.68 23.38
CA LYS A 231 4.39 4.35 24.05
C LYS A 231 4.35 2.87 24.43
N TYR A 232 3.48 2.54 25.39
CA TYR A 232 3.21 1.15 25.74
C TYR A 232 2.53 0.46 24.56
N ASP A 233 1.82 1.24 23.75
CA ASP A 233 1.15 0.69 22.59
C ASP A 233 2.16 0.28 21.52
N LYS A 234 3.11 1.15 21.24
CA LYS A 234 4.13 0.82 20.23
C LYS A 234 4.87 -0.44 20.65
N LYS A 235 5.19 -0.54 21.94
CA LYS A 235 5.89 -1.71 22.47
C LYS A 235 5.09 -2.99 22.31
N CYS A 236 3.76 -2.89 22.31
CA CYS A 236 2.91 -4.06 22.07
CA CYS A 236 2.89 -4.05 22.06
C CYS A 236 3.04 -4.56 20.63
N ASP A 237 3.13 -3.63 19.69
CA ASP A 237 3.30 -4.01 18.28
C ASP A 237 4.62 -4.77 18.14
N ILE A 238 5.66 -4.27 18.80
CA ILE A 238 6.99 -4.89 18.80
C ILE A 238 6.91 -6.32 19.36
N TRP A 239 6.25 -6.45 20.51
CA TRP A 239 6.05 -7.76 21.14
C TRP A 239 5.38 -8.74 20.18
N SER A 240 4.30 -8.30 19.54
CA SER A 240 3.57 -9.13 18.58
C SER A 240 4.47 -9.63 17.45
N SER A 241 5.40 -8.80 17.00
CA SER A 241 6.28 -9.22 15.92
C SER A 241 7.24 -10.31 16.40
N GLY A 242 7.61 -10.26 17.68
CA GLY A 242 8.48 -11.29 18.26
C GLY A 242 7.79 -12.65 18.33
N VAL A 243 6.50 -12.65 18.66
CA VAL A 243 5.72 -13.89 18.65
C VAL A 243 5.72 -14.52 17.28
N ILE A 244 5.53 -13.71 16.26
CA ILE A 244 5.53 -14.23 14.90
C ILE A 244 6.90 -14.79 14.53
N MET A 245 7.95 -14.01 14.80
CA MET A 245 9.29 -14.46 14.44
C MET A 245 9.62 -15.81 15.08
N TYR A 246 9.31 -15.92 16.36
CA TYR A 246 9.58 -17.14 17.13
C TYR A 246 8.86 -18.30 16.44
N THR A 247 7.58 -18.08 16.11
CA THR A 247 6.80 -19.14 15.48
C THR A 247 7.33 -19.54 14.10
N LEU A 248 7.78 -18.56 13.31
CA LEU A 248 8.32 -18.86 11.98
C LEU A 248 9.52 -19.78 12.09
N LEU A 249 10.36 -19.56 13.10
CA LEU A 249 11.65 -20.25 13.17
C LEU A 249 11.56 -21.64 13.80
N CYS A 250 10.58 -21.88 14.66
CA CYS A 250 10.48 -23.23 15.23
C CYS A 250 9.16 -23.98 14.98
N GLY A 251 8.16 -23.31 14.43
CA GLY A 251 6.90 -23.98 14.10
C GLY A 251 5.91 -24.19 15.23
N TYR A 252 6.12 -23.50 16.35
CA TYR A 252 5.12 -23.42 17.43
C TYR A 252 5.27 -22.10 18.13
N PRO A 253 4.19 -21.63 18.76
CA PRO A 253 4.18 -20.33 19.44
C PRO A 253 5.02 -20.35 20.70
N PRO A 254 5.54 -19.19 21.11
CA PRO A 254 6.32 -19.12 22.34
C PRO A 254 5.37 -19.23 23.52
N PHE A 255 5.84 -19.79 24.63
CA PHE A 255 5.03 -19.95 25.83
C PHE A 255 3.82 -20.88 25.61
N TYR A 256 4.04 -21.98 24.89
CA TYR A 256 3.05 -23.09 24.76
C TYR A 256 3.67 -24.38 24.22
N CYS A 273 10.46 -16.50 25.45
CA CYS A 273 11.68 -17.07 24.89
C CYS A 273 12.08 -18.35 25.63
N PHE A 274 11.87 -19.48 24.96
CA PHE A 274 12.32 -20.78 25.47
C PHE A 274 12.93 -21.57 24.32
N TYR A 275 14.26 -21.62 24.25
CA TYR A 275 14.92 -22.33 23.16
C TYR A 275 15.26 -23.80 23.51
N GLU A 276 14.57 -24.72 22.85
CA GLU A 276 14.67 -26.15 23.13
C GLU A 276 15.15 -26.97 21.93
N ASN A 277 14.41 -28.04 21.59
CA ASN A 277 14.86 -29.01 20.59
C ASN A 277 14.94 -28.52 19.13
N ASP A 278 14.14 -27.51 18.80
CA ASP A 278 14.10 -26.96 17.44
C ASP A 278 15.05 -25.77 17.27
N TRP A 279 15.60 -25.30 18.38
CA TRP A 279 16.40 -24.08 18.39
C TRP A 279 17.89 -24.37 18.41
N GLY A 280 18.25 -25.63 18.62
CA GLY A 280 19.63 -26.04 18.69
C GLY A 280 20.44 -25.68 17.46
N SER A 281 19.76 -25.54 16.32
CA SER A 281 20.43 -25.21 15.07
C SER A 281 20.21 -23.76 14.61
N ILE A 282 19.37 -23.00 15.31
CA ILE A 282 19.09 -21.62 14.86
C ILE A 282 20.12 -20.63 15.41
N SER A 283 20.42 -19.60 14.63
CA SER A 283 21.57 -18.74 14.87
C SER A 283 21.46 -17.90 16.13
N SER A 284 22.60 -17.50 16.67
CA SER A 284 22.58 -16.67 17.86
C SER A 284 22.01 -15.29 17.53
N ASP A 285 22.19 -14.83 16.29
CA ASP A 285 21.59 -13.55 15.88
C ASP A 285 20.05 -13.62 16.04
N ALA A 286 19.44 -14.69 15.56
CA ALA A 286 17.98 -14.83 15.66
C ALA A 286 17.52 -14.86 17.12
N LYS A 287 18.18 -15.67 17.94
CA LYS A 287 17.84 -15.73 19.36
C LYS A 287 17.95 -14.35 19.99
N ASN A 288 19.03 -13.63 19.69
CA ASN A 288 19.22 -12.31 20.28
C ASN A 288 18.10 -11.35 19.90
N LEU A 289 17.75 -11.32 18.63
CA LEU A 289 16.63 -10.44 18.24
C LEU A 289 15.32 -10.81 18.95
N ILE A 290 15.03 -12.11 19.01
CA ILE A 290 13.76 -12.54 19.63
C ILE A 290 13.74 -12.09 21.08
N THR A 291 14.89 -12.21 21.71
CA THR A 291 15.08 -11.81 23.07
C THR A 291 14.79 -10.31 23.26
N LYS A 292 15.14 -9.50 22.27
CA LYS A 292 14.93 -8.07 22.34
C LYS A 292 13.48 -7.67 22.06
N LEU A 293 12.79 -8.48 21.26
CA LEU A 293 11.42 -8.20 20.87
C LEU A 293 10.46 -8.65 21.96
N LEU A 294 10.83 -9.72 22.64
CA LEU A 294 9.98 -10.32 23.67
C LEU A 294 10.43 -9.99 25.11
N THR A 295 11.14 -8.88 25.28
CA THR A 295 11.53 -8.44 26.62
C THR A 295 10.28 -8.18 27.45
N TYR A 296 10.21 -8.81 28.63
CA TYR A 296 8.98 -8.76 29.44
C TYR A 296 8.60 -7.33 29.83
N ASN A 297 9.59 -6.54 30.21
CA ASN A 297 9.35 -5.15 30.54
C ASN A 297 9.37 -4.27 29.29
N PRO A 298 8.20 -3.70 28.94
CA PRO A 298 8.01 -2.87 27.74
C PRO A 298 9.08 -1.79 27.56
N ASN A 299 9.58 -1.26 28.67
CA ASN A 299 10.55 -0.18 28.60
C ASN A 299 11.95 -0.62 28.17
N GLU A 300 12.23 -1.92 28.28
CA GLU A 300 13.53 -2.46 27.89
C GLU A 300 13.45 -3.12 26.51
N ARG A 301 12.24 -3.19 25.98
CA ARG A 301 11.99 -3.78 24.67
C ARG A 301 12.62 -2.91 23.59
N CYS A 302 13.18 -3.52 22.55
CA CYS A 302 13.81 -2.71 21.51
C CYS A 302 12.77 -1.91 20.72
N THR A 303 13.23 -0.86 20.05
CA THR A 303 12.36 -0.06 19.21
C THR A 303 12.31 -0.71 17.82
N ILE A 304 11.37 -0.27 17.00
CA ILE A 304 11.26 -0.82 15.66
C ILE A 304 12.51 -0.54 14.82
N GLU A 305 13.09 0.66 14.97
CA GLU A 305 14.35 0.99 14.31
C GLU A 305 15.46 -0.02 14.65
N GLU A 306 15.52 -0.38 15.93
CA GLU A 306 16.54 -1.29 16.41
C GLU A 306 16.39 -2.69 15.81
N ALA A 307 15.15 -3.13 15.66
CA ALA A 307 14.89 -4.43 15.07
C ALA A 307 15.34 -4.44 13.62
N LEU A 308 14.98 -3.38 12.88
CA LEU A 308 15.31 -3.29 11.46
C LEU A 308 16.82 -3.26 11.21
N ASN A 309 17.54 -2.66 12.14
CA ASN A 309 19.01 -2.55 12.03
C ASN A 309 19.73 -3.70 12.74
N HIS A 310 18.99 -4.70 13.20
CA HIS A 310 19.62 -5.83 13.88
C HIS A 310 20.40 -6.67 12.87
N PRO A 311 21.57 -7.19 13.27
CA PRO A 311 22.41 -8.04 12.40
C PRO A 311 21.66 -9.21 11.75
N TRP A 312 20.65 -9.76 12.42
CA TRP A 312 19.89 -10.84 11.81
C TRP A 312 19.19 -10.37 10.54
N ILE A 313 18.58 -9.19 10.61
CA ILE A 313 17.91 -8.64 9.43
C ILE A 313 18.93 -8.22 8.36
N THR A 314 19.93 -7.44 8.76
CA THR A 314 20.89 -6.93 7.78
C THR A 314 21.68 -8.05 7.08
N GLN A 315 22.12 -9.04 7.84
CA GLN A 315 22.85 -10.17 7.25
C GLN A 315 21.97 -11.08 6.39
N MET A 316 20.83 -11.53 6.93
CA MET A 316 20.02 -12.53 6.25
C MET A 316 19.33 -12.01 4.98
N THR A 317 19.10 -10.70 4.89
CA THR A 317 18.38 -10.14 3.75
C THR A 317 19.33 -9.32 2.86
N LYS A 318 20.62 -9.45 3.10
CA LYS A 318 21.62 -8.70 2.34
C LYS A 318 21.69 -9.22 0.90
N SER A 319 21.69 -8.31 -0.06
CA SER A 319 21.81 -8.68 -1.47
C SER A 319 23.04 -8.03 -2.13
N HIS A 322 23.32 -3.19 -8.09
CA HIS A 322 22.44 -4.33 -7.96
C HIS A 322 21.00 -3.97 -8.34
N VAL A 323 20.58 -2.77 -7.96
CA VAL A 323 19.30 -2.24 -8.40
C VAL A 323 19.37 -1.88 -9.89
N GLU A 324 18.39 -2.33 -10.65
CA GLU A 324 18.35 -2.05 -12.08
C GLU A 324 17.11 -1.24 -12.43
N LEU A 325 17.31 -0.01 -12.88
CA LEU A 325 16.20 0.85 -13.32
C LEU A 325 15.51 0.29 -14.57
N SER A 326 14.23 0.58 -14.75
CA SER A 326 13.59 0.35 -16.05
C SER A 326 14.12 1.37 -17.08
N SER A 327 13.94 1.09 -18.37
CA SER A 327 14.56 1.95 -19.39
C SER A 327 13.95 3.35 -19.42
N THR A 328 12.68 3.46 -19.01
CA THR A 328 11.95 4.72 -19.09
C THR A 328 11.72 5.38 -17.71
N LEU A 329 12.27 4.79 -16.66
CA LEU A 329 11.96 5.27 -15.30
C LEU A 329 12.28 6.75 -15.09
N LEU A 330 13.51 7.15 -15.37
CA LEU A 330 13.92 8.53 -15.10
C LEU A 330 13.21 9.53 -16.01
N LYS A 331 13.01 9.16 -17.27
CA LYS A 331 12.25 10.00 -18.19
C LYS A 331 10.85 10.27 -17.63
N ASN A 332 10.17 9.20 -17.20
CA ASN A 332 8.82 9.35 -16.70
C ASN A 332 8.79 10.17 -15.43
N LEU A 333 9.73 9.86 -14.53
CA LEU A 333 9.85 10.58 -13.27
C LEU A 333 9.97 12.10 -13.48
N LYS A 334 10.82 12.53 -14.42
CA LYS A 334 11.00 13.97 -14.61
C LYS A 334 9.82 14.62 -15.33
N ASN A 335 9.06 13.81 -16.06
CA ASN A 335 7.91 14.30 -16.81
C ASN A 335 6.63 14.42 -15.98
N PHE A 336 6.54 13.66 -14.88
CA PHE A 336 5.28 13.56 -14.13
C PHE A 336 4.72 14.92 -13.69
N LYS A 337 5.59 15.78 -13.16
CA LYS A 337 5.16 17.07 -12.61
C LYS A 337 4.45 17.96 -13.63
N LYS A 338 4.86 17.85 -14.90
CA LYS A 338 4.32 18.68 -15.97
C LYS A 338 3.01 18.16 -16.59
N GLU A 339 2.58 16.96 -16.21
CA GLU A 339 1.29 16.44 -16.68
C GLU A 339 0.12 17.23 -16.08
N ASN A 340 -1.02 17.28 -16.75
CA ASN A 340 -2.16 17.98 -16.14
C ASN A 340 -2.66 17.23 -14.92
N GLU A 341 -3.35 17.94 -14.04
CA GLU A 341 -3.73 17.42 -12.74
C GLU A 341 -4.64 16.20 -12.81
N LEU A 342 -5.48 16.12 -13.84
CA LEU A 342 -6.37 14.99 -13.97
C LEU A 342 -5.57 13.75 -14.35
N LYS A 343 -4.63 13.90 -15.28
CA LYS A 343 -3.79 12.77 -15.66
C LYS A 343 -2.96 12.28 -14.48
N LYS A 344 -2.49 13.22 -13.64
CA LYS A 344 -1.71 12.83 -12.47
C LYS A 344 -2.53 11.94 -11.54
N ILE A 345 -3.76 12.34 -11.27
CA ILE A 345 -4.63 11.55 -10.41
C ILE A 345 -4.95 10.20 -11.07
N ALA A 346 -5.14 10.21 -12.40
CA ALA A 346 -5.46 8.99 -13.12
C ALA A 346 -4.33 7.97 -12.97
N LEU A 347 -3.08 8.43 -13.11
CA LEU A 347 -1.90 7.57 -12.97
C LEU A 347 -1.76 7.00 -11.56
N THR A 348 -2.13 7.82 -10.57
CA THR A 348 -2.11 7.38 -9.18
C THR A 348 -3.10 6.23 -8.97
N ILE A 349 -4.31 6.38 -9.51
CA ILE A 349 -5.31 5.31 -9.44
C ILE A 349 -4.88 4.06 -10.20
N ILE A 350 -4.37 4.23 -11.41
CA ILE A 350 -3.82 3.10 -12.16
C ILE A 350 -2.69 2.38 -11.39
N ALA A 351 -1.78 3.16 -10.83
CA ALA A 351 -0.68 2.60 -10.04
C ALA A 351 -1.17 1.76 -8.85
N LYS A 352 -2.24 2.24 -8.23
CA LYS A 352 -2.86 1.60 -7.08
C LYS A 352 -3.43 0.23 -7.45
N HIS A 353 -3.82 0.06 -8.71
CA HIS A 353 -4.38 -1.21 -9.20
C HIS A 353 -3.34 -2.21 -9.74
N LEU A 354 -2.25 -1.73 -10.34
CA LEU A 354 -1.27 -2.63 -10.96
C LEU A 354 0.01 -2.90 -10.16
N CYS A 355 0.15 -2.33 -8.96
CA CYS A 355 1.44 -2.27 -8.27
C CYS A 355 2.15 -3.61 -8.04
N ASP A 356 1.39 -4.67 -7.80
CA ASP A 356 1.98 -5.97 -7.47
C ASP A 356 2.14 -6.92 -8.65
N VAL A 357 1.63 -6.54 -9.82
CA VAL A 357 1.73 -7.41 -11.00
C VAL A 357 2.43 -6.72 -12.19
N GLU A 358 1.68 -6.01 -13.03
CA GLU A 358 2.23 -5.39 -14.23
C GLU A 358 3.45 -4.50 -13.96
N ILE A 359 3.44 -3.80 -12.83
CA ILE A 359 4.56 -2.93 -12.47
C ILE A 359 5.28 -3.34 -11.18
N ASN A 360 5.32 -4.65 -10.90
CA ASN A 360 6.05 -5.07 -9.72
C ASN A 360 7.55 -4.83 -9.83
N ASN A 361 8.05 -4.64 -11.07
CA ASN A 361 9.42 -4.19 -11.28
C ASN A 361 9.69 -2.82 -10.60
N LEU A 362 8.78 -1.89 -10.80
CA LEU A 362 8.89 -0.55 -10.21
C LEU A 362 8.74 -0.60 -8.69
N ARG A 363 7.83 -1.44 -8.21
CA ARG A 363 7.66 -1.64 -6.78
C ARG A 363 8.96 -2.15 -6.16
N ASN A 364 9.57 -3.15 -6.81
CA ASN A 364 10.82 -3.72 -6.33
C ASN A 364 11.95 -2.69 -6.33
N ILE A 365 11.96 -1.80 -7.31
CA ILE A 365 12.94 -0.71 -7.34
C ILE A 365 12.71 0.25 -6.17
N PHE A 366 11.46 0.62 -5.94
CA PHE A 366 11.12 1.47 -4.78
C PHE A 366 11.64 0.86 -3.47
N ILE A 367 11.33 -0.42 -3.26
CA ILE A 367 11.72 -1.09 -2.02
C ILE A 367 13.25 -1.13 -1.89
N ALA A 368 13.93 -1.42 -2.99
CA ALA A 368 15.39 -1.44 -2.97
C ALA A 368 16.00 -0.06 -2.67
N LEU A 369 15.35 1.01 -3.12
CA LEU A 369 15.84 2.37 -2.88
C LEU A 369 15.58 2.85 -1.45
N ASP A 370 14.52 2.32 -0.86
CA ASP A 370 14.07 2.73 0.46
C ASP A 370 14.91 2.01 1.53
N VAL A 371 16.19 2.35 1.62
CA VAL A 371 17.11 1.60 2.49
C VAL A 371 16.83 1.70 3.99
N ASP A 372 16.17 2.76 4.45
CA ASP A 372 15.70 2.81 5.85
C ASP A 372 14.33 2.12 6.06
N ASN A 373 13.80 1.51 5.00
CA ASN A 373 12.53 0.78 5.07
C ASN A 373 11.38 1.59 5.65
N SER A 374 11.36 2.89 5.38
CA SER A 374 10.33 3.80 5.90
C SER A 374 9.06 3.82 5.04
N GLY A 375 9.07 3.12 3.91
CA GLY A 375 7.93 3.13 3.01
C GLY A 375 7.78 4.42 2.21
N THR A 376 8.80 5.28 2.26
CA THR A 376 8.78 6.54 1.53
C THR A 376 10.20 6.79 1.01
N LEU A 377 10.37 7.57 -0.06
CA LEU A 377 11.71 7.86 -0.58
C LEU A 377 12.10 9.31 -0.37
N SER A 378 13.28 9.54 0.23
CA SER A 378 13.84 10.88 0.28
C SER A 378 14.64 11.15 -1.00
N SER A 379 14.91 12.42 -1.27
CA SER A 379 15.74 12.76 -2.43
C SER A 379 17.11 12.11 -2.27
N GLN A 380 17.60 12.03 -1.04
CA GLN A 380 18.91 11.43 -0.78
C GLN A 380 18.97 9.93 -1.11
N GLU A 381 17.90 9.21 -0.79
CA GLU A 381 17.82 7.80 -1.14
C GLU A 381 17.90 7.59 -2.64
N ILE A 382 17.26 8.47 -3.39
CA ILE A 382 17.25 8.37 -4.84
C ILE A 382 18.63 8.74 -5.40
N LEU A 383 19.20 9.83 -4.89
CA LEU A 383 20.55 10.26 -5.30
C LEU A 383 21.59 9.19 -5.02
N ASP A 384 21.63 8.71 -3.78
CA ASP A 384 22.58 7.70 -3.38
C ASP A 384 22.34 6.45 -4.21
N GLY A 385 21.08 6.15 -4.46
CA GLY A 385 20.72 4.98 -5.26
C GLY A 385 21.27 5.09 -6.68
N LEU A 386 21.11 6.26 -7.29
CA LEU A 386 21.59 6.47 -8.64
C LEU A 386 23.12 6.40 -8.69
N LYS A 387 23.77 7.04 -7.72
CA LYS A 387 25.23 6.97 -7.62
C LYS A 387 25.69 5.51 -7.52
N LYS A 388 24.98 4.72 -6.72
CA LYS A 388 25.31 3.31 -6.57
C LYS A 388 25.15 2.52 -7.86
N ILE A 389 24.24 2.98 -8.72
CA ILE A 389 23.93 2.35 -10.00
C ILE A 389 24.97 2.66 -11.07
N GLY A 390 25.61 3.83 -10.99
CA GLY A 390 26.66 4.16 -11.92
C GLY A 390 26.60 5.57 -12.47
N TYR A 391 25.56 6.30 -12.12
CA TYR A 391 25.44 7.68 -12.56
C TYR A 391 26.43 8.54 -11.78
N GLN A 392 27.32 9.23 -12.49
CA GLN A 392 28.35 10.05 -11.87
CA GLN A 392 28.34 10.04 -11.85
C GLN A 392 27.86 11.47 -11.69
N LYS A 393 27.72 12.19 -12.80
CA LYS A 393 27.21 13.55 -12.78
C LYS A 393 25.71 13.53 -13.05
N ILE A 394 24.93 13.76 -12.00
CA ILE A 394 23.48 13.80 -12.12
C ILE A 394 23.05 14.93 -13.04
N PRO A 395 22.31 14.60 -14.11
CA PRO A 395 21.80 15.60 -15.05
C PRO A 395 20.91 16.65 -14.36
N PRO A 396 20.96 17.91 -14.83
CA PRO A 396 20.19 18.99 -14.22
C PRO A 396 18.69 18.69 -14.10
N ASP A 397 18.11 18.00 -15.06
CA ASP A 397 16.68 17.73 -14.98
C ASP A 397 16.33 16.69 -13.91
N ILE A 398 17.30 15.87 -13.52
CA ILE A 398 17.10 14.94 -12.43
C ILE A 398 17.31 15.67 -11.12
N HIS A 399 18.31 16.56 -11.09
CA HIS A 399 18.48 17.44 -9.93
C HIS A 399 17.19 18.21 -9.66
N GLN A 400 16.47 18.56 -10.71
CA GLN A 400 15.22 19.29 -10.53
C GLN A 400 14.17 18.40 -9.84
N VAL A 401 14.13 17.12 -10.19
CA VAL A 401 13.21 16.20 -9.51
C VAL A 401 13.54 16.10 -8.01
N LEU A 402 14.83 16.03 -7.69
CA LEU A 402 15.30 15.91 -6.32
C LEU A 402 14.86 17.12 -5.51
N ARG A 403 15.01 18.31 -6.09
CA ARG A 403 14.62 19.54 -5.41
C ARG A 403 13.11 19.64 -5.26
N ASP A 404 12.36 19.14 -6.25
CA ASP A 404 10.91 19.11 -6.16
C ASP A 404 10.44 18.21 -5.02
N ILE A 405 11.16 17.12 -4.80
CA ILE A 405 10.84 16.24 -3.69
C ILE A 405 11.12 16.93 -2.35
N ASP A 406 12.32 17.50 -2.22
CA ASP A 406 12.71 18.23 -1.01
C ASP A 406 11.68 19.28 -0.67
N SER A 407 11.14 19.94 -1.70
CA SER A 407 10.27 21.08 -1.47
C SER A 407 8.78 20.82 -1.53
N ASN A 408 8.39 19.55 -1.61
CA ASN A 408 6.96 19.22 -1.62
C ASN A 408 6.36 19.32 -0.21
N ALA A 409 5.23 18.63 0.01
CA ALA A 409 4.54 18.75 1.30
C ALA A 409 5.41 18.31 2.49
N SER A 410 6.25 17.30 2.27
CA SER A 410 6.99 16.68 3.38
C SER A 410 8.49 16.51 3.17
N GLY A 411 8.95 16.53 1.93
CA GLY A 411 10.35 16.25 1.63
C GLY A 411 10.60 14.79 1.25
N GLN A 412 9.52 14.03 1.04
CA GLN A 412 9.66 12.64 0.60
C GLN A 412 8.59 12.30 -0.45
N ILE A 413 8.80 11.24 -1.22
CA ILE A 413 7.76 10.82 -2.15
C ILE A 413 7.17 9.51 -1.66
N HIS A 414 5.84 9.45 -1.65
CA HIS A 414 5.14 8.28 -1.15
C HIS A 414 5.22 7.15 -2.17
N TYR A 415 4.95 5.94 -1.70
CA TYR A 415 4.98 4.72 -2.49
C TYR A 415 4.12 4.82 -3.79
N THR A 416 2.85 5.12 -3.65
CA THR A 416 1.98 5.17 -4.83
C THR A 416 2.33 6.33 -5.76
N ASP A 417 2.76 7.45 -5.19
CA ASP A 417 3.20 8.58 -6.02
C ASP A 417 4.44 8.24 -6.84
N PHE A 418 5.38 7.50 -6.25
CA PHE A 418 6.54 7.04 -7.01
C PHE A 418 6.10 6.14 -8.17
N LEU A 419 5.21 5.20 -7.89
CA LEU A 419 4.69 4.33 -8.96
C LEU A 419 3.97 5.11 -10.06
N ALA A 420 3.16 6.09 -9.66
CA ALA A 420 2.42 6.91 -10.63
C ALA A 420 3.37 7.68 -11.55
N ALA A 421 4.49 8.12 -10.98
CA ALA A 421 5.45 8.95 -11.71
C ALA A 421 6.38 8.13 -12.59
N THR A 422 6.43 6.82 -12.35
CA THR A 422 7.38 6.01 -13.09
C THR A 422 6.74 5.07 -14.10
N ILE A 423 5.47 4.71 -13.87
CA ILE A 423 4.76 3.77 -14.74
C ILE A 423 4.79 4.27 -16.20
N ASP A 424 4.93 3.35 -17.15
CA ASP A 424 5.09 3.73 -18.55
C ASP A 424 3.81 3.58 -19.39
N LYS A 425 3.65 4.45 -20.38
CA LYS A 425 2.46 4.42 -21.22
C LYS A 425 2.29 3.07 -21.90
N GLN A 426 3.39 2.37 -22.13
CA GLN A 426 3.30 1.01 -22.68
C GLN A 426 2.46 0.09 -21.79
N THR A 427 2.53 0.35 -20.49
CA THR A 427 1.71 -0.38 -19.52
C THR A 427 0.30 0.21 -19.40
N TYR A 428 0.20 1.53 -19.28
CA TYR A 428 -1.09 2.12 -18.93
C TYR A 428 -1.98 2.58 -20.10
N LEU A 429 -1.42 2.77 -21.29
CA LEU A 429 -2.21 3.36 -22.37
C LEU A 429 -3.00 2.26 -23.09
N LYS A 430 -4.01 1.76 -22.41
CA LYS A 430 -4.84 0.67 -22.91
C LYS A 430 -6.22 1.03 -22.43
N LYS A 431 -7.23 0.89 -23.29
CA LYS A 431 -8.58 1.29 -22.87
C LYS A 431 -9.04 0.61 -21.58
N GLU A 432 -8.71 -0.67 -21.43
CA GLU A 432 -9.14 -1.41 -20.25
C GLU A 432 -8.50 -0.88 -18.96
N VAL A 433 -7.28 -0.36 -19.07
CA VAL A 433 -6.58 0.20 -17.89
C VAL A 433 -7.13 1.59 -17.60
N CYS A 434 -7.18 2.44 -18.63
CA CYS A 434 -7.69 3.81 -18.47
C CYS A 434 -9.14 3.93 -18.04
N LEU A 435 -9.92 2.89 -18.31
CA LEU A 435 -11.33 2.86 -17.89
C LEU A 435 -11.43 2.87 -16.36
N ILE A 436 -10.41 2.31 -15.71
CA ILE A 436 -10.43 2.27 -14.25
C ILE A 436 -10.49 3.67 -13.65
N PRO A 437 -9.47 4.54 -13.92
CA PRO A 437 -9.65 5.89 -13.38
C PRO A 437 -10.87 6.64 -13.94
N PHE A 438 -11.24 6.42 -15.19
CA PHE A 438 -12.40 7.13 -15.75
C PHE A 438 -13.67 6.84 -14.95
N LYS A 439 -13.90 5.57 -14.64
CA LYS A 439 -15.07 5.15 -13.88
C LYS A 439 -15.06 5.73 -12.46
N PHE A 440 -13.87 5.91 -11.88
CA PHE A 440 -13.75 6.57 -10.59
C PHE A 440 -14.15 8.04 -10.64
N PHE A 441 -13.70 8.74 -11.69
CA PHE A 441 -14.02 10.16 -11.87
C PHE A 441 -15.51 10.33 -12.18
N ASP A 442 -16.04 9.44 -13.01
CA ASP A 442 -17.43 9.50 -13.46
C ASP A 442 -18.31 8.91 -12.36
N ILE A 443 -18.50 9.67 -11.29
CA ILE A 443 -19.13 9.15 -10.07
C ILE A 443 -20.52 8.56 -10.32
N ASP A 444 -21.43 9.36 -10.90
CA ASP A 444 -22.79 8.88 -11.15
C ASP A 444 -22.91 7.89 -12.30
N GLY A 445 -21.80 7.55 -12.94
CA GLY A 445 -21.81 6.59 -14.03
C GLY A 445 -22.41 7.10 -15.33
N ASN A 446 -22.55 8.42 -15.43
CA ASN A 446 -23.07 9.08 -16.63
C ASN A 446 -22.43 8.67 -17.95
N GLY A 447 -21.15 8.34 -17.93
CA GLY A 447 -20.38 8.15 -19.15
C GLY A 447 -19.61 9.42 -19.47
N LYS A 448 -19.83 10.45 -18.67
CA LYS A 448 -19.18 11.74 -18.86
C LYS A 448 -18.77 12.32 -17.51
N ILE A 449 -17.59 12.93 -17.46
CA ILE A 449 -17.15 13.56 -16.22
C ILE A 449 -17.58 15.03 -16.19
N SER A 450 -18.41 15.37 -15.22
CA SER A 450 -18.95 16.71 -15.12
C SER A 450 -18.08 17.59 -14.24
N VAL A 451 -18.39 18.89 -14.22
CA VAL A 451 -17.66 19.84 -13.39
C VAL A 451 -17.88 19.57 -11.90
N GLU A 452 -19.11 19.20 -11.52
CA GLU A 452 -19.39 18.89 -10.13
C GLU A 452 -18.58 17.68 -9.68
N GLU A 453 -18.43 16.71 -10.57
CA GLU A 453 -17.61 15.55 -10.26
C GLU A 453 -16.13 15.92 -10.08
N LEU A 454 -15.63 16.80 -10.95
CA LEU A 454 -14.25 17.28 -10.82
C LEU A 454 -14.03 18.06 -9.52
N LYS A 455 -15.05 18.81 -9.12
CA LYS A 455 -14.97 19.59 -7.88
C LYS A 455 -14.78 18.68 -6.67
N ARG A 456 -15.39 17.50 -6.71
CA ARG A 456 -15.23 16.52 -5.65
C ARG A 456 -13.86 15.87 -5.76
N ILE A 457 -13.45 15.58 -6.99
CA ILE A 457 -12.17 14.94 -7.26
C ILE A 457 -10.98 15.80 -6.81
N PHE A 458 -11.04 17.10 -7.11
CA PHE A 458 -9.96 18.01 -6.77
C PHE A 458 -10.08 18.54 -5.34
N GLY A 459 -10.62 17.72 -4.45
CA GLY A 459 -10.75 18.07 -3.04
C GLY A 459 -11.81 19.13 -2.79
N PRO A 466 -12.45 28.12 -5.02
CA PRO A 466 -11.14 28.77 -4.91
C PRO A 466 -10.41 28.78 -6.26
N LEU A 467 -9.09 28.62 -6.21
CA LEU A 467 -8.28 28.56 -7.42
C LEU A 467 -8.33 27.15 -8.03
N ILE A 468 -9.07 26.28 -7.36
CA ILE A 468 -9.41 24.96 -7.89
C ILE A 468 -10.25 25.15 -9.15
N ASP A 469 -11.04 26.22 -9.18
CA ASP A 469 -11.85 26.55 -10.33
C ASP A 469 -10.96 26.91 -11.52
N LYS A 470 -9.81 27.49 -11.24
CA LYS A 470 -8.86 27.79 -12.30
C LYS A 470 -8.39 26.49 -12.95
N ALA A 471 -7.98 25.53 -12.13
CA ALA A 471 -7.50 24.23 -12.63
C ALA A 471 -8.56 23.51 -13.47
N ILE A 472 -9.79 23.49 -12.98
CA ILE A 472 -10.90 22.88 -13.72
C ILE A 472 -11.07 23.55 -15.09
N ASP A 473 -11.01 24.87 -15.09
CA ASP A 473 -11.12 25.66 -16.33
C ASP A 473 -10.02 25.32 -17.32
N SER A 474 -8.78 25.32 -16.85
CA SER A 474 -7.63 24.97 -17.69
C SER A 474 -7.81 23.56 -18.26
N LEU A 475 -8.23 22.65 -17.38
CA LEU A 475 -8.47 21.26 -17.75
C LEU A 475 -9.46 21.15 -18.90
N LEU A 476 -10.64 21.73 -18.70
CA LEU A 476 -11.70 21.62 -19.68
C LEU A 476 -11.32 22.32 -21.00
N GLN A 477 -10.62 23.45 -20.90
CA GLN A 477 -10.17 24.15 -22.09
C GLN A 477 -9.31 23.22 -22.96
N GLU A 478 -8.43 22.47 -22.30
CA GLU A 478 -7.53 21.56 -22.99
C GLU A 478 -8.17 20.22 -23.40
N VAL A 479 -9.09 19.71 -22.57
CA VAL A 479 -9.61 18.34 -22.78
C VAL A 479 -11.00 18.23 -23.44
N ASP A 480 -11.87 19.19 -23.15
CA ASP A 480 -13.24 19.17 -23.65
C ASP A 480 -13.31 19.61 -25.11
N LEU A 481 -13.07 18.68 -26.03
CA LEU A 481 -13.06 19.02 -27.45
C LEU A 481 -14.45 19.01 -28.05
N ASN A 482 -15.43 18.71 -27.20
CA ASN A 482 -16.85 18.67 -27.56
C ASN A 482 -17.46 20.05 -27.42
N GLY A 483 -16.95 20.81 -26.45
CA GLY A 483 -17.57 22.07 -26.07
C GLY A 483 -18.73 21.86 -25.11
N ASP A 484 -19.06 20.61 -24.81
CA ASP A 484 -20.24 20.33 -24.00
C ASP A 484 -20.03 20.49 -22.50
N GLY A 485 -18.85 20.97 -22.11
CA GLY A 485 -18.56 21.29 -20.73
C GLY A 485 -18.21 20.09 -19.85
N GLU A 486 -18.09 18.92 -20.45
CA GLU A 486 -17.83 17.70 -19.69
C GLU A 486 -16.82 16.82 -20.43
N ILE A 487 -16.26 15.84 -19.73
CA ILE A 487 -15.27 14.94 -20.34
C ILE A 487 -15.79 13.53 -20.55
N ASP A 488 -15.88 13.09 -21.79
CA ASP A 488 -16.29 11.71 -22.09
C ASP A 488 -15.05 10.83 -22.25
N PHE A 489 -15.26 9.54 -22.49
CA PHE A 489 -14.15 8.57 -22.47
C PHE A 489 -13.20 8.78 -23.65
N HIS A 490 -13.74 9.08 -24.81
CA HIS A 490 -12.91 9.40 -25.96
C HIS A 490 -11.98 10.59 -25.66
N GLU A 491 -12.53 11.65 -25.06
CA GLU A 491 -11.74 12.81 -24.71
C GLU A 491 -10.71 12.46 -23.62
N PHE A 492 -11.11 11.59 -22.69
CA PHE A 492 -10.22 11.15 -21.64
C PHE A 492 -9.06 10.34 -22.22
N MET A 493 -9.35 9.44 -23.16
CA MET A 493 -8.30 8.61 -23.77
C MET A 493 -7.30 9.46 -24.54
N LEU A 494 -7.81 10.49 -25.20
CA LEU A 494 -6.94 11.41 -25.94
C LEU A 494 -6.02 12.15 -24.99
N MET A 495 -6.58 12.63 -23.88
CA MET A 495 -5.81 13.35 -22.86
C MET A 495 -4.68 12.46 -22.31
N MET A 496 -4.99 11.19 -22.11
CA MET A 496 -4.02 10.24 -21.57
C MET A 496 -2.91 9.92 -22.56
N SER A 497 -3.17 10.12 -23.86
CA SER A 497 -2.21 9.73 -24.88
C SER A 497 -1.43 10.89 -25.51
N LYS A 498 -1.82 12.13 -25.25
CA LYS A 498 -1.13 13.28 -25.86
C LYS A 498 0.26 13.47 -25.28
N LEU A 499 1.21 13.83 -26.15
CA LEU A 499 2.59 14.08 -25.72
C LEU A 499 2.86 15.50 -25.22
N GLU A 500 2.17 16.48 -25.80
CA GLU A 500 2.45 17.89 -25.44
C GLU A 500 1.93 18.27 -24.05
N HIS A 501 2.79 18.89 -23.25
CA HIS A 501 2.37 19.47 -21.97
C HIS A 501 1.61 20.77 -22.19
#